data_1IJ8
#
_entry.id   1IJ8
#
_cell.length_a   72.269
_cell.length_b   80.362
_cell.length_c   43.402
_cell.angle_alpha   90.00
_cell.angle_beta   90.00
_cell.angle_gamma   90.00
#
_symmetry.space_group_name_H-M   'P 21 21 2'
#
loop_
_entity.id
_entity.type
_entity.pdbx_description
1 polymer AVIDIN
2 non-polymer 2-acetamido-2-deoxy-beta-D-glucopyranose
3 non-polymer '5-(2-OXO-HEXAHYDRO-THIENO[3,4-D]IMIDAZOL-6-YL)-PENTANOIC ACID (4-NITRO-PHENYL)-AMIDE'
4 water water
#
_entity_poly.entity_id   1
_entity_poly.type   'polypeptide(L)'
_entity_poly.pdbx_seq_one_letter_code
;ARKCSLTGKWTNDLGSNMTIGAVNSRGEFTGTYTTAVTATSNEIKESPLHGTENTINKRTQPTFGFTVNWKFSESTTVFT
GQCFIDRNGKEVLKTMWLLRSSVNDIGDDWKATRVGINIFTRLRTQKE
;
_entity_poly.pdbx_strand_id   A,B
#
# COMPACT_ATOMS: atom_id res chain seq x y z
N LYS A 3 -5.43 -19.49 -13.50
CA LYS A 3 -4.94 -18.87 -12.24
C LYS A 3 -4.00 -17.69 -12.55
N CYS A 4 -4.37 -16.50 -12.09
CA CYS A 4 -3.54 -15.32 -12.32
C CYS A 4 -2.56 -15.26 -11.15
N SER A 5 -1.27 -15.37 -11.46
CA SER A 5 -0.21 -15.35 -10.45
C SER A 5 0.64 -14.08 -10.50
N LEU A 6 0.97 -13.53 -9.34
CA LEU A 6 1.75 -12.31 -9.27
C LEU A 6 3.24 -12.53 -9.52
N THR A 7 3.74 -13.69 -9.10
CA THR A 7 5.16 -14.03 -9.26
C THR A 7 5.61 -13.93 -10.71
N GLY A 8 6.68 -13.19 -10.95
CA GLY A 8 7.18 -13.06 -12.31
C GLY A 8 7.66 -11.67 -12.68
N LYS A 9 7.82 -11.45 -13.98
CA LYS A 9 8.27 -10.17 -14.49
C LYS A 9 7.14 -9.42 -15.18
N TRP A 10 6.98 -8.15 -14.86
CA TRP A 10 5.93 -7.34 -15.45
C TRP A 10 6.48 -6.03 -15.95
N THR A 11 5.71 -5.39 -16.84
CA THR A 11 6.08 -4.10 -17.39
C THR A 11 4.76 -3.36 -17.56
N ASN A 12 4.77 -2.03 -17.42
CA ASN A 12 3.53 -1.28 -17.55
C ASN A 12 3.46 -0.33 -18.72
N ASP A 13 2.41 0.49 -18.74
CA ASP A 13 2.19 1.43 -19.81
C ASP A 13 3.16 2.61 -19.84
N LEU A 14 3.84 2.85 -18.72
CA LEU A 14 4.82 3.93 -18.63
C LEU A 14 6.23 3.45 -18.96
N GLY A 15 6.41 2.14 -19.06
CA GLY A 15 7.73 1.61 -19.37
C GLY A 15 8.50 1.10 -18.16
N SER A 16 7.91 1.19 -16.98
CA SER A 16 8.55 0.73 -15.75
C SER A 16 8.45 -0.79 -15.70
N ASN A 17 9.41 -1.43 -15.05
CA ASN A 17 9.39 -2.89 -14.92
C ASN A 17 9.33 -3.27 -13.46
N MET A 18 8.80 -4.46 -13.19
CA MET A 18 8.64 -4.93 -11.84
C MET A 18 8.82 -6.43 -11.81
N THR A 19 9.51 -6.90 -10.76
CA THR A 19 9.73 -8.33 -10.57
C THR A 19 9.19 -8.67 -9.21
N ILE A 20 8.40 -9.73 -9.13
CA ILE A 20 7.82 -10.16 -7.86
C ILE A 20 8.24 -11.60 -7.66
N GLY A 21 8.66 -11.92 -6.44
CA GLY A 21 9.08 -13.28 -6.15
C GLY A 21 7.93 -14.17 -5.74
N ALA A 22 8.25 -15.32 -5.14
CA ALA A 22 7.23 -16.26 -4.71
C ALA A 22 6.31 -15.64 -3.67
N VAL A 23 5.04 -16.02 -3.73
CA VAL A 23 4.03 -15.56 -2.78
C VAL A 23 3.91 -16.69 -1.79
N ASN A 24 4.12 -16.41 -0.50
CA ASN A 24 4.04 -17.47 0.51
C ASN A 24 2.61 -17.82 0.92
N SER A 25 2.50 -18.80 1.81
CA SER A 25 1.21 -19.28 2.31
C SER A 25 0.32 -18.18 2.90
N ARG A 26 0.92 -17.12 3.42
CA ARG A 26 0.16 -16.03 3.99
C ARG A 26 -0.21 -14.96 2.97
N GLY A 27 0.22 -15.16 1.73
CA GLY A 27 -0.09 -14.21 0.66
C GLY A 27 0.92 -13.07 0.53
N GLU A 28 1.94 -13.07 1.38
CA GLU A 28 2.96 -12.03 1.36
C GLU A 28 3.98 -12.26 0.25
N PHE A 29 4.47 -11.18 -0.33
CA PHE A 29 5.47 -11.27 -1.39
C PHE A 29 6.34 -10.03 -1.40
N THR A 30 7.52 -10.16 -2.00
CA THR A 30 8.46 -9.06 -2.09
C THR A 30 8.90 -8.98 -3.54
N GLY A 31 9.59 -7.91 -3.89
CA GLY A 31 10.04 -7.76 -5.27
C GLY A 31 10.83 -6.48 -5.46
N THR A 32 11.10 -6.17 -6.73
CA THR A 32 11.86 -4.98 -7.08
C THR A 32 11.08 -4.17 -8.12
N TYR A 33 11.17 -2.85 -8.01
CA TYR A 33 10.47 -1.98 -8.95
C TYR A 33 11.52 -1.12 -9.66
N THR A 34 11.59 -1.26 -10.98
CA THR A 34 12.56 -0.53 -11.78
C THR A 34 11.94 0.55 -12.66
N THR A 35 12.49 1.75 -12.57
CA THR A 35 12.02 2.88 -13.34
C THR A 35 13.23 3.70 -13.81
N ALA A 36 13.11 4.34 -14.96
CA ALA A 36 14.19 5.14 -15.50
C ALA A 36 14.00 6.62 -15.17
N VAL A 37 15.09 7.38 -15.25
CA VAL A 37 15.07 8.82 -14.97
C VAL A 37 14.77 9.60 -16.25
N THR A 38 15.09 9.01 -17.39
CA THR A 38 14.85 9.62 -18.69
C THR A 38 15.29 8.70 -19.83
N ASN A 42 21.36 7.52 -12.60
CA ASN A 42 20.77 8.61 -13.43
C ASN A 42 19.96 8.04 -14.60
N GLU A 43 20.07 6.74 -14.82
CA GLU A 43 19.34 6.09 -15.90
C GLU A 43 18.26 5.20 -15.30
N ILE A 44 18.68 4.12 -14.64
CA ILE A 44 17.77 3.19 -13.99
C ILE A 44 17.98 3.15 -12.48
N LYS A 45 16.88 3.06 -11.74
CA LYS A 45 16.95 2.99 -10.27
C LYS A 45 16.05 1.85 -9.79
N GLU A 46 16.53 1.09 -8.82
CA GLU A 46 15.77 -0.03 -8.27
C GLU A 46 15.26 0.30 -6.87
N SER A 47 14.03 -0.09 -6.59
CA SER A 47 13.44 0.12 -5.27
C SER A 47 12.66 -1.12 -4.88
N PRO A 48 12.78 -1.54 -3.62
CA PRO A 48 12.08 -2.74 -3.16
C PRO A 48 10.60 -2.50 -2.96
N LEU A 49 9.81 -3.57 -3.07
CA LEU A 49 8.39 -3.48 -2.83
C LEU A 49 7.98 -4.65 -1.95
N HIS A 50 6.96 -4.42 -1.12
CA HIS A 50 6.46 -5.44 -0.22
C HIS A 50 4.94 -5.36 -0.28
N GLY A 51 4.28 -6.51 -0.37
CA GLY A 51 2.84 -6.50 -0.43
C GLY A 51 2.23 -7.83 -0.06
N THR A 52 0.91 -7.91 -0.22
CA THR A 52 0.19 -9.12 0.08
C THR A 52 -0.92 -9.31 -0.93
N GLU A 53 -1.21 -10.58 -1.23
CA GLU A 53 -2.28 -10.94 -2.14
C GLU A 53 -3.39 -11.44 -1.23
N ASN A 54 -4.63 -11.14 -1.55
CA ASN A 54 -5.74 -11.59 -0.72
C ASN A 54 -6.04 -13.05 -1.09
N THR A 55 -6.15 -13.91 -0.09
CA THR A 55 -6.42 -15.32 -0.32
C THR A 55 -7.80 -15.82 0.11
N ILE A 56 -8.68 -14.90 0.48
CA ILE A 56 -10.03 -15.28 0.90
C ILE A 56 -10.81 -15.90 -0.28
N ASN A 57 -11.26 -17.14 -0.10
CA ASN A 57 -12.01 -17.88 -1.13
C ASN A 57 -11.11 -18.35 -2.27
N LYS A 58 -9.80 -18.28 -2.06
CA LYS A 58 -8.82 -18.71 -3.05
C LYS A 58 -9.23 -18.35 -4.47
N ARG A 59 -9.62 -17.10 -4.67
CA ARG A 59 -10.03 -16.64 -5.99
C ARG A 59 -8.88 -16.80 -6.98
N THR A 60 -9.20 -17.05 -8.23
CA THR A 60 -8.18 -17.21 -9.26
C THR A 60 -7.73 -15.83 -9.75
N GLN A 61 -8.53 -14.81 -9.43
CA GLN A 61 -8.23 -13.43 -9.81
C GLN A 61 -8.32 -12.63 -8.52
N PRO A 62 -7.30 -12.79 -7.66
CA PRO A 62 -7.24 -12.11 -6.37
C PRO A 62 -6.89 -10.63 -6.42
N THR A 63 -7.27 -9.91 -5.38
CA THR A 63 -6.96 -8.50 -5.25
C THR A 63 -5.63 -8.50 -4.50
N PHE A 64 -4.90 -7.39 -4.56
CA PHE A 64 -3.61 -7.32 -3.89
C PHE A 64 -3.23 -5.87 -3.67
N GLY A 65 -2.16 -5.68 -2.92
CA GLY A 65 -1.67 -4.34 -2.67
C GLY A 65 -0.20 -4.40 -2.31
N PHE A 66 0.54 -3.36 -2.66
CA PHE A 66 1.95 -3.32 -2.29
C PHE A 66 2.44 -1.90 -2.16
N THR A 67 3.54 -1.75 -1.43
CA THR A 67 4.13 -0.45 -1.18
C THR A 67 5.51 -0.40 -1.83
N VAL A 68 5.80 0.70 -2.50
CA VAL A 68 7.12 0.86 -3.11
C VAL A 68 7.85 1.90 -2.26
N ASN A 69 8.97 1.47 -1.71
CA ASN A 69 9.82 2.28 -0.84
C ASN A 69 10.91 2.90 -1.71
N TRP A 70 10.60 4.03 -2.33
CA TRP A 70 11.55 4.71 -3.22
C TRP A 70 12.89 4.96 -2.55
N LYS A 71 13.95 4.53 -3.22
CA LYS A 71 15.30 4.68 -2.69
C LYS A 71 16.03 5.94 -3.14
N PHE A 72 15.36 6.75 -3.95
CA PHE A 72 15.97 7.99 -4.44
C PHE A 72 15.17 9.23 -4.07
N SER A 73 14.19 9.06 -3.19
CA SER A 73 13.36 10.18 -2.74
C SER A 73 12.73 9.84 -1.40
N GLU A 74 12.08 10.84 -0.80
CA GLU A 74 11.43 10.67 0.50
C GLU A 74 9.98 10.23 0.33
N SER A 75 9.57 10.02 -0.92
CA SER A 75 8.20 9.63 -1.24
C SER A 75 7.92 8.14 -1.08
N THR A 76 6.63 7.81 -1.03
CA THR A 76 6.16 6.44 -0.94
C THR A 76 4.98 6.28 -1.89
N THR A 77 4.87 5.12 -2.54
CA THR A 77 3.75 4.86 -3.43
C THR A 77 3.12 3.53 -3.05
N VAL A 78 1.79 3.49 -3.03
CA VAL A 78 1.10 2.24 -2.75
C VAL A 78 0.21 1.93 -3.94
N PHE A 79 0.19 0.65 -4.32
CA PHE A 79 -0.59 0.17 -5.46
C PHE A 79 -1.57 -0.87 -4.97
N THR A 80 -2.78 -0.86 -5.54
CA THR A 80 -3.74 -1.89 -5.23
C THR A 80 -4.43 -2.20 -6.54
N GLY A 81 -4.85 -3.46 -6.72
CA GLY A 81 -5.50 -3.81 -7.98
C GLY A 81 -5.92 -5.26 -7.98
N GLN A 82 -6.22 -5.77 -9.16
CA GLN A 82 -6.62 -7.16 -9.28
C GLN A 82 -5.91 -7.81 -10.44
N CYS A 83 -5.54 -9.06 -10.24
CA CYS A 83 -4.84 -9.85 -11.24
C CYS A 83 -5.91 -10.50 -12.11
N PHE A 84 -6.09 -9.99 -13.34
CA PHE A 84 -7.09 -10.52 -14.26
C PHE A 84 -6.55 -11.41 -15.37
N ILE A 85 -7.48 -12.10 -16.02
CA ILE A 85 -7.20 -12.97 -17.15
C ILE A 85 -8.11 -12.41 -18.24
N ASP A 86 -7.54 -11.79 -19.26
CA ASP A 86 -8.36 -11.21 -20.32
C ASP A 86 -8.95 -12.25 -21.27
N ARG A 87 -9.61 -11.77 -22.32
CA ARG A 87 -10.24 -12.65 -23.31
C ARG A 87 -9.26 -13.47 -24.13
N ASN A 88 -8.00 -13.01 -24.17
CA ASN A 88 -6.96 -13.69 -24.93
C ASN A 88 -6.26 -14.76 -24.09
N GLY A 89 -6.50 -14.74 -22.78
CA GLY A 89 -5.89 -15.70 -21.90
C GLY A 89 -4.65 -15.12 -21.26
N LYS A 90 -4.40 -13.84 -21.55
CA LYS A 90 -3.24 -13.12 -21.02
C LYS A 90 -3.53 -12.60 -19.61
N GLU A 91 -2.50 -12.56 -18.79
CA GLU A 91 -2.63 -12.05 -17.43
C GLU A 91 -2.41 -10.55 -17.48
N VAL A 92 -3.23 -9.80 -16.74
CA VAL A 92 -3.11 -8.36 -16.72
C VAL A 92 -3.37 -7.83 -15.32
N LEU A 93 -2.56 -6.88 -14.89
CA LEU A 93 -2.74 -6.29 -13.57
C LEU A 93 -3.31 -4.89 -13.77
N LYS A 94 -4.55 -4.69 -13.32
CA LYS A 94 -5.17 -3.38 -13.43
C LYS A 94 -4.95 -2.78 -12.05
N THR A 95 -4.18 -1.70 -11.97
CA THR A 95 -3.94 -1.10 -10.67
C THR A 95 -4.17 0.40 -10.62
N MET A 96 -4.31 0.88 -9.39
CA MET A 96 -4.44 2.30 -9.12
C MET A 96 -3.46 2.55 -7.99
N TRP A 97 -2.87 3.74 -7.96
CA TRP A 97 -1.89 4.04 -6.94
C TRP A 97 -2.01 5.42 -6.32
N LEU A 98 -1.43 5.57 -5.14
CA LEU A 98 -1.38 6.86 -4.46
C LEU A 98 0.10 7.12 -4.28
N LEU A 99 0.55 8.30 -4.67
CA LEU A 99 1.95 8.70 -4.53
C LEU A 99 2.01 9.78 -3.46
N ARG A 100 2.63 9.46 -2.34
CA ARG A 100 2.75 10.40 -1.23
C ARG A 100 4.09 11.12 -1.22
N SER A 101 4.05 12.43 -1.30
CA SER A 101 5.28 13.21 -1.25
C SER A 101 5.47 13.59 0.21
N SER A 102 6.70 13.92 0.57
CA SER A 102 6.98 14.32 1.93
C SER A 102 6.89 15.85 2.00
N VAL A 103 6.14 16.38 2.95
CA VAL A 103 6.06 17.83 3.12
C VAL A 103 6.70 18.10 4.47
N ASN A 104 7.23 19.31 4.66
CA ASN A 104 7.89 19.62 5.92
C ASN A 104 6.97 20.14 7.02
N ASP A 105 5.75 20.51 6.65
CA ASP A 105 4.80 21.04 7.62
C ASP A 105 3.41 20.44 7.43
N ILE A 106 2.76 20.10 8.54
CA ILE A 106 1.44 19.51 8.48
C ILE A 106 0.42 20.39 7.76
N GLY A 107 0.71 21.68 7.68
CA GLY A 107 -0.19 22.60 7.00
C GLY A 107 -0.21 22.38 5.49
N ASP A 108 0.83 21.71 4.96
CA ASP A 108 0.92 21.45 3.54
C ASP A 108 0.46 20.03 3.16
N ASP A 109 -0.05 19.29 4.14
CA ASP A 109 -0.50 17.92 3.90
C ASP A 109 -1.50 17.78 2.76
N TRP A 110 -2.41 18.74 2.64
CA TRP A 110 -3.44 18.70 1.61
C TRP A 110 -2.95 18.50 0.17
N LYS A 111 -1.75 18.95 -0.16
CA LYS A 111 -1.27 18.81 -1.54
C LYS A 111 -0.20 17.74 -1.75
N ALA A 112 -0.04 16.85 -0.78
CA ALA A 112 0.99 15.81 -0.84
C ALA A 112 0.63 14.49 -1.49
N THR A 113 -0.62 14.33 -1.93
CA THR A 113 -0.99 13.05 -2.52
C THR A 113 -1.51 13.07 -3.94
N ARG A 114 -0.82 12.33 -4.81
CA ARG A 114 -1.21 12.22 -6.21
C ARG A 114 -1.85 10.85 -6.41
N VAL A 115 -2.69 10.74 -7.44
CA VAL A 115 -3.37 9.47 -7.73
C VAL A 115 -3.27 9.17 -9.23
N GLY A 116 -3.25 7.88 -9.58
CA GLY A 116 -3.17 7.52 -10.98
C GLY A 116 -3.38 6.03 -11.20
N ILE A 117 -3.19 5.57 -12.44
CA ILE A 117 -3.36 4.16 -12.74
C ILE A 117 -2.13 3.60 -13.44
N ASN A 118 -2.08 2.27 -13.51
CA ASN A 118 -1.02 1.55 -14.19
C ASN A 118 -1.55 0.18 -14.53
N ILE A 119 -1.31 -0.24 -15.76
CA ILE A 119 -1.75 -1.55 -16.22
C ILE A 119 -0.46 -2.31 -16.52
N PHE A 120 -0.30 -3.49 -15.93
CA PHE A 120 0.89 -4.30 -16.12
C PHE A 120 0.62 -5.56 -16.93
N THR A 121 1.56 -5.89 -17.80
CA THR A 121 1.45 -7.09 -18.62
C THR A 121 2.74 -7.88 -18.43
N ARG A 122 2.71 -9.17 -18.72
CA ARG A 122 3.91 -9.99 -18.57
C ARG A 122 5.02 -9.56 -19.50
N LEU A 123 6.23 -9.51 -18.96
CA LEU A 123 7.39 -9.11 -19.75
C LEU A 123 8.10 -10.36 -20.26
N ARG B 2 11.66 16.16 18.63
CA ARG B 2 11.93 14.70 18.52
C ARG B 2 11.47 14.12 17.20
N LYS B 3 11.15 12.82 17.19
CA LYS B 3 10.71 12.16 15.97
C LYS B 3 9.36 11.47 16.10
N CYS B 4 8.61 11.45 15.00
CA CYS B 4 7.31 10.81 14.96
C CYS B 4 7.62 9.34 14.67
N SER B 5 7.15 8.43 15.52
CA SER B 5 7.40 7.01 15.36
C SER B 5 6.11 6.22 15.06
N LEU B 6 6.19 5.30 14.11
CA LEU B 6 5.03 4.50 13.73
C LEU B 6 4.66 3.42 14.74
N THR B 7 5.67 2.85 15.39
CA THR B 7 5.46 1.81 16.37
C THR B 7 4.51 2.25 17.47
N GLY B 8 3.55 1.40 17.81
CA GLY B 8 2.60 1.72 18.86
C GLY B 8 1.16 1.40 18.54
N LYS B 9 0.25 1.94 19.36
CA LYS B 9 -1.17 1.72 19.18
C LYS B 9 -1.82 3.02 18.71
N TRP B 10 -2.66 2.91 17.69
CA TRP B 10 -3.32 4.10 17.14
C TRP B 10 -4.81 3.85 16.98
N THR B 11 -5.56 4.93 16.88
CA THR B 11 -6.99 4.85 16.65
C THR B 11 -7.32 5.96 15.67
N ASN B 12 -8.28 5.74 14.77
CA ASN B 12 -8.62 6.76 13.80
C ASN B 12 -9.97 7.43 14.03
N ASP B 13 -10.31 8.36 13.14
CA ASP B 13 -11.54 9.12 13.23
C ASP B 13 -12.80 8.28 13.01
N LEU B 14 -12.64 7.07 12.48
CA LEU B 14 -13.78 6.17 12.27
C LEU B 14 -13.95 5.22 13.45
N GLY B 15 -12.96 5.18 14.34
CA GLY B 15 -13.06 4.31 15.50
C GLY B 15 -12.25 3.02 15.39
N SER B 16 -11.62 2.79 14.25
CA SER B 16 -10.82 1.58 14.05
C SER B 16 -9.50 1.72 14.80
N ASN B 17 -8.94 0.61 15.26
CA ASN B 17 -7.67 0.64 15.97
C ASN B 17 -6.59 -0.07 15.17
N MET B 18 -5.35 0.33 15.39
CA MET B 18 -4.24 -0.24 14.67
C MET B 18 -3.02 -0.35 15.54
N THR B 19 -2.36 -1.52 15.48
CA THR B 19 -1.16 -1.76 16.24
C THR B 19 -0.01 -2.03 15.27
N ILE B 20 1.06 -1.26 15.41
CA ILE B 20 2.22 -1.42 14.55
C ILE B 20 3.41 -1.84 15.41
N GLY B 21 4.16 -2.81 14.91
CA GLY B 21 5.31 -3.29 15.65
C GLY B 21 6.57 -2.49 15.39
N ALA B 22 7.70 -3.04 15.82
CA ALA B 22 8.98 -2.37 15.62
C ALA B 22 9.27 -2.28 14.13
N VAL B 23 10.00 -1.24 13.74
CA VAL B 23 10.37 -1.05 12.35
C VAL B 23 11.86 -1.40 12.23
N ASN B 24 12.18 -2.45 11.49
CA ASN B 24 13.57 -2.86 11.36
C ASN B 24 14.42 -1.84 10.61
N SER B 25 15.67 -2.20 10.35
CA SER B 25 16.61 -1.32 9.66
C SER B 25 16.18 -0.99 8.22
N ARG B 26 15.49 -1.93 7.58
CA ARG B 26 15.03 -1.73 6.22
C ARG B 26 13.74 -0.91 6.15
N GLY B 27 13.23 -0.50 7.31
CA GLY B 27 12.02 0.29 7.37
C GLY B 27 10.74 -0.52 7.30
N GLU B 28 10.86 -1.84 7.37
CA GLU B 28 9.71 -2.72 7.28
C GLU B 28 9.03 -2.91 8.62
N PHE B 29 7.73 -3.13 8.58
CA PHE B 29 6.96 -3.35 9.80
C PHE B 29 5.70 -4.16 9.51
N THR B 30 5.17 -4.76 10.57
CA THR B 30 3.97 -5.54 10.47
C THR B 30 3.11 -5.08 11.62
N GLY B 31 1.83 -5.42 11.58
CA GLY B 31 0.95 -5.02 12.66
C GLY B 31 -0.40 -5.66 12.49
N THR B 32 -1.38 -5.10 13.18
CA THR B 32 -2.75 -5.58 13.15
C THR B 32 -3.71 -4.41 13.03
N TYR B 33 -4.78 -4.62 12.27
CA TYR B 33 -5.78 -3.60 12.05
C TYR B 33 -7.12 -4.13 12.57
N THR B 34 -7.73 -3.38 13.48
CA THR B 34 -9.00 -3.79 14.07
C THR B 34 -10.13 -2.83 13.73
N THR B 35 -11.20 -3.39 13.17
CA THR B 35 -12.35 -2.58 12.80
C THR B 35 -13.61 -3.23 13.37
N ALA B 36 -14.68 -2.46 13.49
CA ALA B 36 -15.92 -2.98 14.03
C ALA B 36 -16.91 -3.28 12.91
N VAL B 37 -18.03 -3.89 13.28
CA VAL B 37 -19.08 -4.24 12.33
C VAL B 37 -20.41 -4.30 13.07
N THR B 38 -20.51 -3.50 14.14
CA THR B 38 -21.71 -3.41 14.97
C THR B 38 -22.04 -4.74 15.66
N ASN B 42 -19.96 -5.58 20.96
CA ASN B 42 -19.58 -5.32 19.53
C ASN B 42 -18.82 -6.49 18.92
N GLU B 43 -19.02 -6.67 17.62
CA GLU B 43 -18.36 -7.73 16.86
C GLU B 43 -17.22 -7.06 16.11
N ILE B 44 -15.98 -7.38 16.49
CA ILE B 44 -14.83 -6.78 15.83
C ILE B 44 -13.99 -7.79 15.08
N LYS B 45 -13.42 -7.35 13.96
CA LYS B 45 -12.58 -8.20 13.12
C LYS B 45 -11.12 -7.77 13.25
N GLU B 46 -10.21 -8.69 12.99
CA GLU B 46 -8.78 -8.41 13.09
C GLU B 46 -8.05 -8.87 11.84
N SER B 47 -7.36 -7.95 11.19
CA SER B 47 -6.62 -8.25 9.97
C SER B 47 -5.16 -7.79 10.05
N PRO B 48 -4.25 -8.56 9.45
CA PRO B 48 -2.82 -8.23 9.46
C PRO B 48 -2.45 -7.15 8.44
N LEU B 49 -1.41 -6.38 8.73
CA LEU B 49 -0.94 -5.36 7.81
C LEU B 49 0.58 -5.43 7.71
N HIS B 50 1.09 -5.06 6.55
CA HIS B 50 2.53 -5.07 6.30
C HIS B 50 2.82 -3.83 5.49
N GLY B 51 3.90 -3.14 5.82
CA GLY B 51 4.25 -1.94 5.09
C GLY B 51 5.68 -1.53 5.32
N THR B 52 6.02 -0.35 4.80
CA THR B 52 7.36 0.18 4.96
C THR B 52 7.30 1.67 5.22
N GLU B 53 8.34 2.15 5.89
CA GLU B 53 8.48 3.54 6.21
C GLU B 53 9.69 3.98 5.40
N ASN B 54 9.60 5.14 4.75
CA ASN B 54 10.71 5.62 3.94
C ASN B 54 11.84 6.10 4.86
N THR B 55 13.05 5.57 4.63
CA THR B 55 14.20 5.93 5.45
C THR B 55 15.15 6.96 4.84
N ILE B 56 14.88 7.39 3.61
CA ILE B 56 15.74 8.38 2.94
C ILE B 56 15.87 9.70 3.73
N ASN B 57 17.12 10.09 4.00
CA ASN B 57 17.41 11.32 4.73
C ASN B 57 16.93 11.31 6.17
N LYS B 58 16.63 10.12 6.68
CA LYS B 58 16.18 9.93 8.06
C LYS B 58 15.32 11.09 8.57
N ARG B 59 14.32 11.50 7.80
CA ARG B 59 13.46 12.60 8.21
C ARG B 59 12.78 12.23 9.53
N THR B 60 12.43 13.24 10.31
CA THR B 60 11.76 13.05 11.60
C THR B 60 10.25 12.86 11.43
N GLN B 61 9.75 13.14 10.24
CA GLN B 61 8.32 12.98 9.92
C GLN B 61 8.30 12.26 8.57
N PRO B 62 8.56 10.96 8.60
CA PRO B 62 8.60 10.12 7.39
C PRO B 62 7.28 9.75 6.76
N THR B 63 7.32 9.44 5.47
CA THR B 63 6.15 8.99 4.74
C THR B 63 6.21 7.47 4.89
N PHE B 64 5.11 6.80 4.61
CA PHE B 64 5.06 5.36 4.74
C PHE B 64 3.86 4.85 3.98
N GLY B 65 3.77 3.53 3.88
CA GLY B 65 2.63 2.92 3.21
C GLY B 65 2.47 1.51 3.76
N PHE B 66 1.25 1.02 3.79
CA PHE B 66 1.02 -0.35 4.24
C PHE B 66 -0.21 -0.91 3.59
N THR B 67 -0.29 -2.23 3.56
CA THR B 67 -1.40 -2.92 2.96
C THR B 67 -2.14 -3.70 4.03
N VAL B 68 -3.46 -3.65 3.99
CA VAL B 68 -4.25 -4.39 4.96
C VAL B 68 -4.90 -5.52 4.19
N ASN B 69 -4.56 -6.73 4.60
CA ASN B 69 -5.05 -7.95 4.00
C ASN B 69 -6.30 -8.36 4.78
N TRP B 70 -7.46 -7.86 4.36
CA TRP B 70 -8.71 -8.18 5.05
C TRP B 70 -8.97 -9.67 5.15
N LYS B 71 -9.28 -10.12 6.35
CA LYS B 71 -9.56 -11.54 6.56
C LYS B 71 -11.04 -11.89 6.49
N PHE B 72 -11.89 -10.88 6.34
CA PHE B 72 -13.33 -11.14 6.26
C PHE B 72 -13.95 -10.87 4.88
N SER B 73 -13.14 -10.45 3.92
CA SER B 73 -13.61 -10.21 2.56
C SER B 73 -12.49 -10.46 1.55
N GLU B 74 -12.79 -10.32 0.26
CA GLU B 74 -11.78 -10.55 -0.76
C GLU B 74 -11.11 -9.24 -1.15
N SER B 75 -11.50 -8.17 -0.46
CA SER B 75 -10.97 -6.83 -0.70
C SER B 75 -9.59 -6.59 -0.13
N THR B 76 -8.95 -5.52 -0.60
CA THR B 76 -7.62 -5.13 -0.11
C THR B 76 -7.62 -3.61 -0.02
N THR B 77 -6.97 -3.08 1.01
CA THR B 77 -6.86 -1.63 1.17
C THR B 77 -5.39 -1.26 1.39
N VAL B 78 -4.96 -0.18 0.74
CA VAL B 78 -3.61 0.29 0.93
C VAL B 78 -3.72 1.71 1.47
N PHE B 79 -2.80 2.04 2.37
CA PHE B 79 -2.73 3.37 2.99
C PHE B 79 -1.36 3.94 2.80
N THR B 80 -1.29 5.27 2.67
CA THR B 80 -0.03 5.94 2.56
C THR B 80 -0.23 7.29 3.22
N GLY B 81 0.83 7.81 3.83
CA GLY B 81 0.70 9.09 4.48
C GLY B 81 2.01 9.48 5.11
N GLN B 82 1.93 10.41 6.06
CA GLN B 82 3.11 10.90 6.74
C GLN B 82 2.83 11.00 8.23
N CYS B 83 3.85 10.71 9.01
CA CYS B 83 3.82 10.74 10.47
C CYS B 83 4.25 12.17 10.86
N PHE B 84 3.28 12.96 11.29
CA PHE B 84 3.55 14.35 11.67
C PHE B 84 3.58 14.62 13.16
N ILE B 85 4.22 15.73 13.53
CA ILE B 85 4.25 16.21 14.90
C ILE B 85 3.36 17.44 14.72
N ASP B 86 2.13 17.37 15.20
CA ASP B 86 1.18 18.48 15.05
C ASP B 86 1.64 19.73 15.80
N ARG B 87 0.92 20.82 15.60
CA ARG B 87 1.26 22.10 16.25
C ARG B 87 1.19 22.02 17.77
N ASN B 88 0.31 21.16 18.28
CA ASN B 88 0.16 21.02 19.72
C ASN B 88 1.13 19.99 20.32
N GLY B 89 2.03 19.46 19.50
CA GLY B 89 3.01 18.50 19.98
C GLY B 89 2.61 17.02 19.90
N LYS B 90 1.37 16.76 19.49
CA LYS B 90 0.91 15.38 19.38
C LYS B 90 1.35 14.75 18.06
N GLU B 91 1.56 13.44 18.09
CA GLU B 91 1.93 12.70 16.90
C GLU B 91 0.63 12.39 16.17
N VAL B 92 0.62 12.54 14.86
CA VAL B 92 -0.58 12.28 14.09
C VAL B 92 -0.23 11.68 12.72
N LEU B 93 -0.95 10.63 12.34
CA LEU B 93 -0.73 10.02 11.04
C LEU B 93 -1.83 10.55 10.12
N LYS B 94 -1.43 11.27 9.07
CA LYS B 94 -2.38 11.79 8.09
C LYS B 94 -2.30 10.80 6.94
N THR B 95 -3.39 10.11 6.62
CA THR B 95 -3.34 9.13 5.56
C THR B 95 -4.47 9.21 4.55
N MET B 96 -4.23 8.58 3.41
CA MET B 96 -5.19 8.47 2.34
C MET B 96 -5.15 6.98 1.96
N TRP B 97 -6.28 6.44 1.55
CA TRP B 97 -6.33 5.04 1.20
C TRP B 97 -7.12 4.74 -0.06
N LEU B 98 -6.89 3.55 -0.60
CA LEU B 98 -7.60 3.05 -1.76
C LEU B 98 -8.14 1.68 -1.31
N LEU B 99 -9.43 1.46 -1.51
CA LEU B 99 -10.08 0.21 -1.15
C LEU B 99 -10.46 -0.53 -2.43
N ARG B 100 -9.76 -1.62 -2.72
CA ARG B 100 -10.00 -2.40 -3.92
C ARG B 100 -10.96 -3.55 -3.68
N SER B 101 -12.11 -3.52 -4.36
CA SER B 101 -13.09 -4.57 -4.23
C SER B 101 -12.79 -5.59 -5.32
N SER B 102 -13.23 -6.82 -5.11
CA SER B 102 -13.01 -7.86 -6.10
C SER B 102 -14.17 -7.92 -7.08
N VAL B 103 -13.87 -7.91 -8.37
CA VAL B 103 -14.89 -8.00 -9.40
C VAL B 103 -14.64 -9.26 -10.21
N ASN B 104 -15.69 -9.81 -10.84
CA ASN B 104 -15.54 -11.04 -11.60
C ASN B 104 -15.13 -10.87 -13.06
N ASP B 105 -15.44 -9.73 -13.64
CA ASP B 105 -15.06 -9.48 -15.03
C ASP B 105 -14.18 -8.25 -15.15
N ILE B 106 -13.14 -8.36 -15.97
CA ILE B 106 -12.23 -7.24 -16.18
C ILE B 106 -13.04 -6.02 -16.64
N GLY B 107 -14.24 -6.29 -17.16
CA GLY B 107 -15.10 -5.22 -17.63
C GLY B 107 -15.71 -4.39 -16.51
N ASP B 108 -15.73 -4.93 -15.29
CA ASP B 108 -16.26 -4.20 -14.15
C ASP B 108 -15.15 -3.52 -13.35
N ASP B 109 -13.93 -3.58 -13.88
CA ASP B 109 -12.79 -2.98 -13.20
C ASP B 109 -12.99 -1.52 -12.82
N TRP B 110 -13.51 -0.72 -13.76
CA TRP B 110 -13.71 0.71 -13.55
C TRP B 110 -14.36 1.11 -12.23
N LYS B 111 -15.27 0.24 -11.67
CA LYS B 111 -15.96 0.61 -10.43
C LYS B 111 -15.49 -0.10 -9.17
N ALA B 112 -14.29 -0.65 -9.27
CA ALA B 112 -13.79 -1.41 -8.13
C ALA B 112 -12.92 -0.68 -7.10
N THR B 113 -12.64 0.60 -7.31
CA THR B 113 -11.77 1.29 -6.37
C THR B 113 -12.34 2.53 -5.68
N ARG B 114 -12.42 2.47 -4.35
CA ARG B 114 -12.91 3.58 -3.55
C ARG B 114 -11.70 4.30 -2.96
N VAL B 115 -11.86 5.58 -2.64
CA VAL B 115 -10.76 6.35 -2.07
C VAL B 115 -11.30 7.12 -0.88
N GLY B 116 -10.43 7.38 0.10
CA GLY B 116 -10.85 8.11 1.28
C GLY B 116 -9.65 8.47 2.13
N ILE B 117 -9.91 9.05 3.30
CA ILE B 117 -8.83 9.45 4.19
C ILE B 117 -9.06 8.94 5.60
N ASN B 118 -8.01 8.92 6.38
CA ASN B 118 -8.07 8.51 7.77
C ASN B 118 -7.00 9.27 8.54
N ILE B 119 -7.36 9.74 9.72
CA ILE B 119 -6.43 10.44 10.58
C ILE B 119 -6.27 9.58 11.84
N PHE B 120 -5.03 9.25 12.18
CA PHE B 120 -4.73 8.42 13.35
C PHE B 120 -3.99 9.18 14.44
N THR B 121 -4.39 8.96 15.69
CA THR B 121 -3.70 9.59 16.81
C THR B 121 -3.37 8.47 17.79
N ARG B 122 -2.45 8.71 18.70
CA ARG B 122 -2.06 7.66 19.65
C ARG B 122 -3.17 7.27 20.63
N LEU B 123 -3.24 5.97 20.89
CA LEU B 123 -4.26 5.42 21.79
C LEU B 123 -3.74 5.41 23.23
#